data_6CFC
#
_entry.id   6CFC
#
_cell.length_a   74.294
_cell.length_b   74.294
_cell.length_c   190.461
_cell.angle_alpha   90.000
_cell.angle_beta   90.000
_cell.angle_gamma   120.000
#
_symmetry.space_group_name_H-M   'P 31 2 1'
#
loop_
_entity.id
_entity.type
_entity.pdbx_description
1 polymer 'Lytic transglycosylase'
2 non-polymer 4-O-(4-O-SULFONYL-N-ACETYLGLUCOSAMININYL)-5-METHYLHYDROXY-L-PROLINE-TAURINE
3 non-polymer 'SULFATE ION'
4 water water
#
_entity_poly.entity_id   1
_entity_poly.type   'polypeptide(L)'
_entity_poly.pdbx_seq_one_letter_code
;MQYSIEKLKKEENSLAKDYYIYRLLEKNKISKKDAQDLNSHIFRYIGKIKSELEKIIPLKPYINPKYAKCYTYTANTILD
ANLTCQSVRLNSLVFIASLNSKDRTTLAQTFKNQRPDLTNLLLAFNTSDPMSYIVQKEDINGFFKLYNYSKKYDLDLNTS
LVNKLPNHIGFKDFAQNIIIKKENPKFRHSMLEINPENVSEDSAFYLGVNALTYDKTELAYDFFKKAAQSFKSQSNKDNA
IFWMWLIKNNEEDLKTLSQSSSLNIYSLYAKELTNTPFPKIESLNPSKKKNNFNMQDPFAWQKINKQIRDANASQLDVLA
KEFDTQETLPIYAYILERKNNFKKHYFIMPYYDNIKDYNKTRQALILAIARQESRFIPTAISVSYALGMMQFMPFLANHI
GEKELKIPNFDQDFMFKPEIAYYFGNYHLNYLESRLKSPLFVAYAYNGGIGFTNRMLARNDMFKTGKFEPFLSMELVPYQ
ESRIYGKKVLANYIVYRHLLNDSIKISDIFENLIQNKANDLNKS
;
_entity_poly.pdbx_strand_id   A
#
loop_
_chem_comp.id
_chem_comp.type
_chem_comp.name
_chem_comp.formula
BLG non-polymer 4-O-(4-O-SULFONYL-N-ACETYLGLUCOSAMININYL)-5-METHYLHYDROXY-L-PROLINE-TAURINE 'C16 H30 N3 O14 S2 1'
SO4 non-polymer 'SULFATE ION' 'O4 S -2'
#
# COMPACT_ATOMS: atom_id res chain seq x y z
N TYR A 3 -28.04 10.85 -6.43
CA TYR A 3 -28.90 9.92 -7.21
C TYR A 3 -29.69 9.02 -6.25
N SER A 4 -30.95 8.73 -6.58
CA SER A 4 -31.77 7.73 -5.86
C SER A 4 -31.21 6.29 -6.04
N ILE A 5 -31.54 5.41 -5.10
CA ILE A 5 -31.02 4.02 -5.14
C ILE A 5 -31.42 3.26 -6.42
N GLU A 6 -32.64 3.47 -6.90
CA GLU A 6 -33.16 2.67 -8.03
C GLU A 6 -32.46 3.04 -9.34
N LYS A 7 -32.17 4.33 -9.51
CA LYS A 7 -31.33 4.79 -10.62
C LYS A 7 -29.91 4.23 -10.53
N LEU A 8 -29.38 4.24 -9.33
CA LEU A 8 -28.03 3.73 -9.09
C LEU A 8 -27.90 2.25 -9.35
N LYS A 9 -28.98 1.50 -9.11
CA LYS A 9 -28.98 0.05 -9.35
C LYS A 9 -28.84 -0.31 -10.81
N LYS A 10 -29.21 0.60 -11.71
CA LYS A 10 -29.06 0.38 -13.15
C LYS A 10 -27.61 0.49 -13.68
N GLU A 11 -26.71 1.10 -12.92
CA GLU A 11 -25.31 1.21 -13.33
C GLU A 11 -24.61 -0.13 -13.11
N GLU A 12 -23.52 -0.36 -13.86
CA GLU A 12 -22.64 -1.50 -13.60
C GLU A 12 -21.92 -1.35 -12.25
N ASN A 13 -21.64 -2.49 -11.61
CA ASN A 13 -20.93 -2.55 -10.33
C ASN A 13 -19.53 -1.98 -10.47
N SER A 14 -19.13 -1.11 -9.54
CA SER A 14 -17.79 -0.47 -9.57
C SER A 14 -17.56 0.28 -8.28
N LEU A 15 -16.37 0.83 -8.10
CA LEU A 15 -16.13 1.66 -6.93
C LEU A 15 -16.98 2.93 -6.93
N ALA A 16 -17.27 3.47 -8.12
CA ALA A 16 -18.15 4.64 -8.20
C ALA A 16 -19.54 4.29 -7.71
N LYS A 17 -20.05 3.14 -8.12
CA LYS A 17 -21.39 2.73 -7.66
C LYS A 17 -21.41 2.50 -6.13
N ASP A 18 -20.42 1.77 -5.63
CA ASP A 18 -20.28 1.57 -4.16
C ASP A 18 -20.28 2.89 -3.42
N TYR A 19 -19.49 3.82 -3.93
CA TYR A 19 -19.34 5.12 -3.32
C TYR A 19 -20.69 5.80 -3.13
N TYR A 20 -21.50 5.81 -4.19
CA TYR A 20 -22.82 6.44 -4.11
C TYR A 20 -23.82 5.62 -3.31
N ILE A 21 -23.66 4.29 -3.29
CA ILE A 21 -24.45 3.48 -2.37
C ILE A 21 -24.08 3.88 -0.95
N TYR A 22 -22.79 4.01 -0.68
CA TYR A 22 -22.32 4.40 0.65
C TYR A 22 -22.88 5.75 1.10
N ARG A 23 -22.87 6.75 0.21
CA ARG A 23 -23.45 8.07 0.50
C ARG A 23 -24.93 8.00 0.91
N LEU A 24 -25.72 7.15 0.25
CA LEU A 24 -27.12 6.94 0.62
C LEU A 24 -27.25 6.28 1.98
N LEU A 25 -26.54 5.19 2.21
CA LEU A 25 -26.52 4.51 3.52
C LEU A 25 -26.05 5.42 4.65
N GLU A 26 -25.08 6.30 4.36
CA GLU A 26 -24.62 7.35 5.29
C GLU A 26 -25.74 8.24 5.82
N LYS A 27 -26.60 8.70 4.93
CA LYS A 27 -27.73 9.56 5.30
C LYS A 27 -28.97 8.81 5.82
N ASN A 28 -28.88 7.48 5.99
CA ASN A 28 -30.01 6.58 6.34
C ASN A 28 -31.14 6.64 5.31
N LYS A 29 -30.75 6.76 4.04
CA LYS A 29 -31.69 7.00 2.95
C LYS A 29 -32.00 5.77 2.12
N ILE A 30 -31.59 4.59 2.57
CA ILE A 30 -32.05 3.35 1.95
C ILE A 30 -32.96 2.59 2.93
N SER A 31 -34.12 2.17 2.43
CA SER A 31 -35.09 1.41 3.21
C SER A 31 -34.77 -0.08 3.17
N LYS A 32 -35.49 -0.84 3.99
CA LYS A 32 -35.29 -2.28 4.13
C LYS A 32 -35.60 -3.07 2.86
N LYS A 33 -36.69 -2.70 2.20
CA LYS A 33 -37.09 -3.32 0.94
C LYS A 33 -35.99 -3.13 -0.12
N ASP A 34 -35.52 -1.88 -0.24
CA ASP A 34 -34.45 -1.52 -1.18
C ASP A 34 -33.11 -2.19 -0.90
N ALA A 35 -32.79 -2.27 0.39
CA ALA A 35 -31.56 -2.90 0.85
C ALA A 35 -31.50 -4.42 0.63
N GLN A 36 -32.64 -5.09 0.48
CA GLN A 36 -32.66 -6.55 0.46
C GLN A 36 -31.84 -7.20 -0.67
N ASP A 37 -31.91 -6.67 -1.89
CA ASP A 37 -31.12 -7.25 -3.01
C ASP A 37 -29.78 -6.52 -3.24
N LEU A 38 -29.40 -5.68 -2.28
CA LEU A 38 -28.33 -4.71 -2.49
C LEU A 38 -26.92 -5.33 -2.49
N ASN A 39 -26.75 -6.55 -1.96
CA ASN A 39 -25.42 -7.16 -1.94
C ASN A 39 -24.94 -7.58 -3.35
N SER A 40 -25.88 -7.95 -4.23
CA SER A 40 -25.55 -8.15 -5.66
C SER A 40 -25.16 -6.86 -6.46
N HIS A 41 -25.35 -5.69 -5.84
CA HIS A 41 -25.06 -4.39 -6.42
C HIS A 41 -23.76 -3.74 -5.87
N ILE A 42 -23.04 -4.45 -4.99
CA ILE A 42 -21.85 -3.93 -4.36
C ILE A 42 -20.63 -4.62 -4.96
N PHE A 43 -19.65 -3.82 -5.33
CA PHE A 43 -18.45 -4.27 -6.03
C PHE A 43 -17.39 -4.76 -5.07
N ARG A 44 -17.22 -4.05 -3.96
CA ARG A 44 -16.26 -4.39 -2.93
C ARG A 44 -16.95 -4.32 -1.56
N TYR A 45 -17.46 -5.46 -1.12
CA TYR A 45 -18.22 -5.57 0.12
C TYR A 45 -17.26 -5.79 1.28
N ILE A 46 -16.55 -4.72 1.62
CA ILE A 46 -15.50 -4.71 2.64
C ILE A 46 -15.59 -3.34 3.32
N GLY A 47 -15.33 -3.29 4.63
CA GLY A 47 -15.20 -2.02 5.35
C GLY A 47 -16.47 -1.25 5.68
N LYS A 48 -16.41 0.07 5.49
CA LYS A 48 -17.48 0.99 5.90
C LYS A 48 -18.84 0.66 5.27
N ILE A 49 -18.85 0.28 4.00
CA ILE A 49 -20.10 -0.06 3.29
C ILE A 49 -20.72 -1.37 3.82
N LYS A 50 -19.88 -2.36 4.11
CA LYS A 50 -20.30 -3.62 4.72
C LYS A 50 -20.98 -3.38 6.07
N SER A 51 -20.35 -2.54 6.91
CA SER A 51 -20.86 -2.20 8.25
C SER A 51 -22.19 -1.48 8.20
N GLU A 52 -22.26 -0.44 7.39
CA GLU A 52 -23.47 0.36 7.25
C GLU A 52 -24.64 -0.47 6.71
N LEU A 53 -24.37 -1.45 5.84
CA LEU A 53 -25.43 -2.28 5.25
C LEU A 53 -26.00 -3.29 6.25
N GLU A 54 -25.13 -3.91 7.05
CA GLU A 54 -25.55 -4.93 8.03
C GLU A 54 -26.44 -4.41 9.16
N LYS A 55 -26.50 -3.08 9.32
CA LYS A 55 -27.59 -2.44 10.07
C LYS A 55 -28.97 -2.58 9.38
N ILE A 56 -29.08 -3.47 8.38
CA ILE A 56 -30.36 -3.85 7.79
C ILE A 56 -30.38 -5.37 7.58
N ASN A 64 -23.18 -21.16 6.57
CA ASN A 64 -22.97 -22.47 5.97
C ASN A 64 -23.74 -23.55 6.75
N PRO A 65 -25.00 -23.84 6.37
CA PRO A 65 -25.88 -24.82 7.05
C PRO A 65 -25.32 -26.20 7.35
N LYS A 66 -24.31 -26.62 6.59
CA LYS A 66 -23.59 -27.85 6.91
C LYS A 66 -23.11 -27.80 8.38
N TYR A 67 -22.54 -26.66 8.79
CA TYR A 67 -21.87 -26.51 10.09
C TYR A 67 -22.63 -25.71 11.15
N ALA A 68 -23.88 -25.32 10.88
CA ALA A 68 -24.66 -24.45 11.78
C ALA A 68 -24.87 -25.04 13.18
N LYS A 69 -25.23 -26.32 13.24
CA LYS A 69 -25.43 -27.02 14.51
C LYS A 69 -24.17 -27.02 15.39
N CYS A 70 -22.98 -27.02 14.76
CA CYS A 70 -21.72 -27.00 15.52
C CYS A 70 -21.58 -25.75 16.38
N TYR A 71 -22.21 -24.65 15.97
CA TYR A 71 -22.14 -23.40 16.71
C TYR A 71 -23.13 -23.26 17.88
N THR A 72 -24.02 -24.24 18.09
CA THR A 72 -24.79 -24.27 19.34
C THR A 72 -23.90 -24.67 20.51
N TYR A 73 -23.00 -25.63 20.29
CA TYR A 73 -22.07 -26.06 21.34
C TYR A 73 -21.21 -24.92 21.83
N THR A 74 -20.76 -25.04 23.07
CA THR A 74 -19.96 -24.00 23.72
C THR A 74 -18.70 -24.63 24.29
N ALA A 75 -17.85 -23.80 24.85
CA ALA A 75 -16.75 -24.26 25.67
C ALA A 75 -17.19 -25.35 26.69
N ASN A 76 -18.36 -25.17 27.30
CA ASN A 76 -18.86 -26.09 28.34
C ASN A 76 -19.45 -27.41 27.76
N THR A 77 -19.81 -27.43 26.47
CA THR A 77 -20.47 -28.61 25.88
C THR A 77 -19.77 -29.24 24.67
N ILE A 78 -18.57 -28.75 24.33
CA ILE A 78 -17.89 -29.18 23.09
C ILE A 78 -17.70 -30.70 22.95
N LEU A 79 -17.48 -31.40 24.07
CA LEU A 79 -17.30 -32.86 24.03
C LEU A 79 -18.57 -33.67 23.73
N ASP A 80 -19.76 -33.07 23.85
CA ASP A 80 -20.99 -33.74 23.44
C ASP A 80 -21.14 -33.78 21.90
N ALA A 81 -20.54 -32.80 21.23
CA ALA A 81 -20.57 -32.68 19.76
C ALA A 81 -19.98 -33.90 19.05
N ASN A 82 -20.40 -34.11 17.79
CA ASN A 82 -19.83 -35.15 16.93
C ASN A 82 -18.42 -34.75 16.46
N LEU A 83 -17.66 -35.70 15.91
CA LEU A 83 -16.26 -35.43 15.53
C LEU A 83 -16.12 -34.27 14.52
N THR A 84 -17.03 -34.19 13.55
CA THR A 84 -17.01 -33.11 12.55
C THR A 84 -17.17 -31.73 13.20
N CYS A 85 -18.14 -31.61 14.10
CA CYS A 85 -18.41 -30.33 14.77
C CYS A 85 -17.26 -29.90 15.71
N GLN A 86 -16.68 -30.87 16.41
CA GLN A 86 -15.48 -30.62 17.22
C GLN A 86 -14.41 -30.07 16.31
N SER A 87 -14.16 -30.76 15.20
CA SER A 87 -13.16 -30.31 14.22
C SER A 87 -13.40 -28.88 13.74
N VAL A 88 -14.66 -28.53 13.48
CA VAL A 88 -15.00 -27.20 12.96
C VAL A 88 -14.76 -26.10 13.99
N ARG A 89 -15.29 -26.28 15.21
CA ARG A 89 -15.11 -25.26 16.25
C ARG A 89 -13.64 -25.02 16.63
N LEU A 90 -12.81 -26.06 16.57
CA LEU A 90 -11.40 -25.95 16.95
C LEU A 90 -10.50 -25.25 15.91
N ASN A 91 -11.08 -24.81 14.78
CA ASN A 91 -10.41 -23.87 13.88
C ASN A 91 -10.20 -22.46 14.46
N SER A 92 -10.86 -22.16 15.57
CA SER A 92 -10.72 -20.87 16.26
C SER A 92 -9.77 -20.97 17.45
N LEU A 93 -8.72 -20.16 17.45
CA LEU A 93 -7.79 -20.13 18.62
C LEU A 93 -8.42 -19.45 19.85
N VAL A 94 -9.29 -18.48 19.60
CA VAL A 94 -10.05 -17.84 20.68
C VAL A 94 -10.92 -18.89 21.38
N PHE A 95 -11.60 -19.74 20.61
CA PHE A 95 -12.36 -20.85 21.17
C PHE A 95 -11.47 -21.85 21.95
N ILE A 96 -10.33 -22.25 21.37
CA ILE A 96 -9.40 -23.16 22.03
C ILE A 96 -8.92 -22.61 23.36
N ALA A 97 -8.64 -21.31 23.38
CA ALA A 97 -8.19 -20.63 24.59
C ALA A 97 -9.26 -20.55 25.67
N SER A 98 -10.53 -20.59 25.26
CA SER A 98 -11.66 -20.51 26.17
C SER A 98 -12.01 -21.87 26.84
N LEU A 99 -11.42 -22.97 26.35
CA LEU A 99 -11.65 -24.28 26.97
C LEU A 99 -10.88 -24.39 28.27
N ASN A 100 -11.14 -25.45 29.03
CA ASN A 100 -10.26 -25.81 30.14
C ASN A 100 -9.25 -26.88 29.67
N SER A 101 -8.28 -27.19 30.51
CA SER A 101 -7.21 -28.10 30.15
C SER A 101 -7.63 -29.57 30.13
N LYS A 102 -8.67 -29.89 30.90
CA LYS A 102 -9.27 -31.20 30.87
C LYS A 102 -9.78 -31.50 29.45
N ASP A 103 -10.57 -30.57 28.92
CA ASP A 103 -11.14 -30.75 27.58
C ASP A 103 -10.12 -30.61 26.46
N ARG A 104 -9.14 -29.73 26.61
CA ARG A 104 -8.09 -29.62 25.59
C ARG A 104 -7.28 -30.93 25.51
N THR A 105 -7.00 -31.55 26.66
CA THR A 105 -6.22 -32.78 26.68
C THR A 105 -6.97 -33.99 26.03
N THR A 106 -8.27 -34.10 26.30
CA THR A 106 -9.11 -35.14 25.65
C THR A 106 -9.19 -34.94 24.14
N LEU A 107 -9.45 -33.72 23.71
CA LEU A 107 -9.50 -33.42 22.28
C LEU A 107 -8.17 -33.61 21.56
N ALA A 108 -7.07 -33.32 22.23
CA ALA A 108 -5.74 -33.57 21.67
C ALA A 108 -5.47 -35.04 21.37
N GLN A 109 -5.97 -35.91 22.25
CA GLN A 109 -5.90 -37.37 22.04
C GLN A 109 -6.75 -37.76 20.84
N THR A 110 -7.99 -37.31 20.84
CA THR A 110 -8.92 -37.53 19.73
C THR A 110 -8.31 -37.13 18.39
N PHE A 111 -7.65 -35.99 18.31
CA PHE A 111 -7.22 -35.47 17.03
C PHE A 111 -5.76 -35.75 16.65
N LYS A 112 -5.03 -36.46 17.53
CA LYS A 112 -3.59 -36.71 17.39
C LYS A 112 -3.14 -37.22 16.01
N ASN A 113 -3.78 -38.27 15.51
CA ASN A 113 -3.39 -38.87 14.23
C ASN A 113 -3.95 -38.09 13.04
N GLN A 114 -5.21 -37.67 13.09
CA GLN A 114 -5.83 -36.97 11.95
C GLN A 114 -5.44 -35.49 11.82
N ARG A 115 -5.33 -34.78 12.93
CA ARG A 115 -5.02 -33.32 12.90
C ARG A 115 -3.93 -32.98 13.89
N PRO A 116 -2.68 -33.43 13.59
CA PRO A 116 -1.58 -33.26 14.54
C PRO A 116 -1.24 -31.81 14.84
N ASP A 117 -1.44 -30.88 13.89
CA ASP A 117 -1.20 -29.45 14.15
C ASP A 117 -2.24 -28.87 15.13
N LEU A 118 -3.48 -29.31 15.02
CA LEU A 118 -4.51 -28.94 16.01
C LEU A 118 -4.19 -29.49 17.40
N THR A 119 -3.73 -30.74 17.46
CA THR A 119 -3.28 -31.37 18.71
C THR A 119 -2.20 -30.55 19.44
N ASN A 120 -1.22 -30.06 18.66
CA ASN A 120 -0.14 -29.22 19.19
C ASN A 120 -0.65 -27.94 19.84
N LEU A 121 -1.54 -27.23 19.14
CA LEU A 121 -2.13 -26.00 19.70
C LEU A 121 -3.00 -26.27 20.94
N LEU A 122 -3.80 -27.33 20.90
CA LEU A 122 -4.63 -27.70 22.04
C LEU A 122 -3.77 -27.86 23.28
N LEU A 123 -2.70 -28.65 23.17
CA LEU A 123 -1.79 -28.84 24.30
C LEU A 123 -1.05 -27.55 24.65
N ALA A 124 -0.65 -26.77 23.63
CA ALA A 124 0.04 -25.49 23.84
C ALA A 124 -0.75 -24.57 24.76
N PHE A 125 -2.06 -24.53 24.54
CA PHE A 125 -2.94 -23.68 25.33
C PHE A 125 -3.19 -24.20 26.75
N ASN A 126 -2.67 -25.37 27.12
CA ASN A 126 -2.62 -25.78 28.52
C ASN A 126 -1.52 -25.05 29.29
N THR A 127 -0.56 -24.49 28.58
CA THR A 127 0.60 -23.90 29.25
C THR A 127 0.40 -22.40 29.43
N SER A 128 1.26 -21.80 30.25
CA SER A 128 1.23 -20.35 30.45
C SER A 128 1.80 -19.57 29.24
N ASP A 129 2.65 -20.19 28.43
CA ASP A 129 3.14 -19.60 27.15
C ASP A 129 2.96 -20.58 25.98
N PRO A 130 1.80 -20.53 25.30
CA PRO A 130 1.59 -21.40 24.13
C PRO A 130 2.68 -21.32 23.03
N MET A 131 3.24 -20.14 22.83
CA MET A 131 4.29 -19.96 21.82
C MET A 131 5.58 -20.72 22.13
N SER A 132 5.99 -20.73 23.39
CA SER A 132 7.18 -21.50 23.78
C SER A 132 6.97 -22.98 23.48
N TYR A 133 5.75 -23.47 23.77
CA TYR A 133 5.41 -24.86 23.53
C TYR A 133 5.51 -25.19 22.04
N ILE A 134 4.91 -24.34 21.22
CA ILE A 134 4.93 -24.50 19.77
C ILE A 134 6.32 -24.37 19.18
N VAL A 135 7.13 -23.49 19.74
CA VAL A 135 8.52 -23.29 19.29
C VAL A 135 9.35 -24.54 19.57
N GLN A 136 9.14 -25.15 20.73
CA GLN A 136 9.84 -26.37 21.11
C GLN A 136 9.55 -27.49 20.11
N LYS A 137 8.31 -27.58 19.66
CA LYS A 137 7.89 -28.51 18.62
C LYS A 137 8.44 -28.19 17.21
N GLU A 138 8.81 -26.93 16.97
CA GLU A 138 9.07 -26.39 15.60
C GLU A 138 7.85 -26.59 14.69
N ASP A 139 6.68 -26.28 15.25
CA ASP A 139 5.42 -26.32 14.54
C ASP A 139 5.23 -24.96 13.88
N ILE A 140 5.55 -24.90 12.59
CA ILE A 140 5.59 -23.64 11.84
C ILE A 140 4.18 -23.11 11.60
N ASN A 141 3.26 -23.98 11.23
CA ASN A 141 1.86 -23.56 11.10
C ASN A 141 1.30 -23.00 12.40
N GLY A 142 1.58 -23.66 13.53
CA GLY A 142 1.17 -23.15 14.84
C GLY A 142 1.83 -21.83 15.19
N PHE A 143 3.11 -21.69 14.84
CA PHE A 143 3.82 -20.46 15.08
C PHE A 143 3.07 -19.25 14.48
N PHE A 144 2.69 -19.33 13.19
CA PHE A 144 2.00 -18.19 12.54
C PHE A 144 0.55 -17.97 13.02
N LYS A 145 -0.15 -19.04 13.35
CA LYS A 145 -1.47 -18.89 13.97
C LYS A 145 -1.37 -18.20 15.32
N LEU A 146 -0.39 -18.58 16.14
CA LEU A 146 -0.19 -17.90 17.42
C LEU A 146 0.22 -16.43 17.24
N TYR A 147 1.09 -16.14 16.27
CA TYR A 147 1.47 -14.76 15.99
C TYR A 147 0.25 -13.88 15.63
N ASN A 148 -0.62 -14.42 14.79
CA ASN A 148 -1.89 -13.78 14.44
C ASN A 148 -2.85 -13.65 15.61
N TYR A 149 -2.86 -14.64 16.49
CA TYR A 149 -3.64 -14.58 17.74
C TYR A 149 -3.19 -13.42 18.64
N SER A 150 -1.88 -13.27 18.81
CA SER A 150 -1.32 -12.23 19.64
C SER A 150 0.10 -11.88 19.21
N LYS A 151 0.33 -10.59 18.97
CA LYS A 151 1.65 -10.04 18.63
C LYS A 151 2.57 -9.96 19.84
N LYS A 152 2.00 -10.15 21.03
CA LYS A 152 2.75 -10.04 22.28
C LYS A 152 3.79 -11.13 22.52
N TYR A 153 3.60 -12.32 21.96
CA TYR A 153 4.59 -13.37 22.14
C TYR A 153 5.91 -12.91 21.49
N ASP A 154 7.00 -13.15 22.21
CA ASP A 154 8.33 -12.85 21.75
C ASP A 154 9.31 -13.72 22.51
N LEU A 155 10.24 -14.34 21.79
CA LEU A 155 11.29 -15.14 22.41
C LEU A 155 12.42 -15.42 21.44
N ASP A 156 13.54 -15.85 21.99
CA ASP A 156 14.72 -16.17 21.19
C ASP A 156 14.49 -17.50 20.49
N LEU A 157 14.68 -17.50 19.18
CA LEU A 157 14.41 -18.65 18.33
C LEU A 157 15.75 -19.18 17.86
N ASN A 158 15.92 -20.50 17.81
CA ASN A 158 17.18 -21.09 17.38
C ASN A 158 17.31 -21.10 15.85
N THR A 159 18.51 -21.37 15.38
CA THR A 159 18.84 -21.36 13.96
C THR A 159 17.98 -22.32 13.16
N SER A 160 17.75 -23.51 13.70
CA SER A 160 16.92 -24.52 13.03
C SER A 160 15.49 -24.02 12.82
N LEU A 161 14.89 -23.44 13.85
CA LEU A 161 13.53 -22.91 13.71
C LEU A 161 13.43 -21.74 12.74
N VAL A 162 14.30 -20.73 12.87
CA VAL A 162 14.15 -19.51 12.05
C VAL A 162 14.31 -19.81 10.59
N ASN A 163 15.18 -20.75 10.26
CA ASN A 163 15.37 -21.19 8.87
C ASN A 163 14.19 -21.97 8.26
N LYS A 164 13.28 -22.45 9.08
CA LYS A 164 12.02 -23.05 8.58
C LYS A 164 10.87 -22.03 8.44
N LEU A 165 10.95 -20.91 9.13
CA LEU A 165 9.89 -19.87 9.03
C LEU A 165 9.64 -19.33 7.61
N PRO A 166 10.69 -19.17 6.80
CA PRO A 166 10.41 -18.61 5.45
C PRO A 166 9.68 -19.52 4.48
N ASN A 167 9.54 -20.81 4.80
CA ASN A 167 8.74 -21.74 4.00
C ASN A 167 7.24 -21.70 4.34
N HIS A 168 6.73 -20.55 4.74
CA HIS A 168 5.33 -20.35 5.05
C HIS A 168 4.98 -19.02 4.42
N ILE A 169 3.79 -18.94 3.82
CA ILE A 169 3.32 -17.73 3.15
C ILE A 169 3.15 -16.48 4.04
N GLY A 170 3.05 -16.69 5.34
CA GLY A 170 2.92 -15.66 6.34
C GLY A 170 4.24 -15.02 6.76
N PHE A 171 5.36 -15.62 6.40
CA PHE A 171 6.67 -15.07 6.81
C PHE A 171 6.87 -13.63 6.34
N LYS A 172 6.54 -13.36 5.08
CA LYS A 172 6.86 -12.05 4.52
C LYS A 172 6.22 -10.90 5.32
N ASP A 173 4.93 -11.02 5.62
CA ASP A 173 4.25 -9.97 6.39
C ASP A 173 4.63 -9.97 7.86
N PHE A 174 4.89 -11.14 8.42
CA PHE A 174 5.42 -11.25 9.78
C PHE A 174 6.74 -10.47 9.89
N ALA A 175 7.66 -10.72 8.96
CA ALA A 175 8.98 -10.08 8.98
C ALA A 175 8.87 -8.57 8.76
N GLN A 176 8.21 -8.20 7.67
CA GLN A 176 7.95 -6.79 7.32
C GLN A 176 7.40 -6.04 8.53
N ASN A 177 6.36 -6.61 9.12
CA ASN A 177 5.66 -5.96 10.21
C ASN A 177 6.55 -5.73 11.43
N ILE A 178 7.24 -6.77 11.90
CA ILE A 178 8.04 -6.62 13.11
C ILE A 178 9.30 -5.77 12.88
N ILE A 179 9.85 -5.81 11.67
CA ILE A 179 10.98 -4.96 11.28
C ILE A 179 10.57 -3.48 11.14
N ILE A 180 9.58 -3.15 10.31
CA ILE A 180 9.25 -1.72 10.08
C ILE A 180 8.56 -1.09 11.28
N LYS A 181 7.90 -1.90 12.11
CA LYS A 181 7.32 -1.37 13.33
C LYS A 181 8.26 -1.45 14.53
N LYS A 182 9.47 -1.98 14.34
CA LYS A 182 10.44 -2.18 15.42
C LYS A 182 9.80 -2.84 16.65
N GLU A 183 9.14 -3.97 16.40
CA GLU A 183 8.46 -4.77 17.43
C GLU A 183 9.15 -6.10 17.59
N ASN A 184 8.79 -6.84 18.65
CA ASN A 184 9.26 -8.21 18.90
C ASN A 184 10.77 -8.34 18.77
N PRO A 185 11.53 -7.69 19.67
CA PRO A 185 13.00 -7.66 19.55
C PRO A 185 13.69 -9.03 19.53
N LYS A 186 13.16 -9.99 20.28
CA LYS A 186 13.78 -11.31 20.33
C LYS A 186 13.60 -12.06 19.01
N PHE A 187 12.41 -11.99 18.43
CA PHE A 187 12.21 -12.49 17.05
C PHE A 187 13.16 -11.84 16.05
N ARG A 188 13.25 -10.51 16.09
CA ARG A 188 14.05 -9.75 15.11
C ARG A 188 15.50 -10.12 15.19
N HIS A 189 16.00 -10.24 16.42
CA HIS A 189 17.39 -10.60 16.63
C HIS A 189 17.68 -12.04 16.15
N SER A 190 16.74 -12.95 16.42
CA SER A 190 16.86 -14.33 15.96
C SER A 190 16.92 -14.47 14.42
N MET A 191 16.26 -13.57 13.70
CA MET A 191 16.27 -13.61 12.22
C MET A 191 17.60 -13.23 11.53
N LEU A 192 18.58 -12.77 12.30
CA LEU A 192 19.96 -12.64 11.82
C LEU A 192 20.61 -13.97 11.45
N GLU A 193 20.02 -15.08 11.93
CA GLU A 193 20.52 -16.44 11.63
C GLU A 193 19.86 -17.11 10.43
N ILE A 194 18.93 -16.43 9.77
CA ILE A 194 18.32 -16.98 8.56
C ILE A 194 19.37 -16.95 7.45
N ASN A 195 19.52 -18.09 6.79
CA ASN A 195 20.49 -18.24 5.73
C ASN A 195 19.87 -17.56 4.50
N PRO A 196 20.58 -16.62 3.84
CA PRO A 196 20.05 -16.01 2.62
C PRO A 196 19.62 -16.97 1.50
N GLU A 197 20.22 -18.17 1.42
CA GLU A 197 19.72 -19.22 0.49
C GLU A 197 18.25 -19.58 0.73
N ASN A 198 17.77 -19.37 1.95
CA ASN A 198 16.41 -19.77 2.29
C ASN A 198 15.32 -18.75 2.00
N VAL A 199 15.71 -17.56 1.53
CA VAL A 199 14.75 -16.45 1.29
C VAL A 199 14.96 -15.84 -0.10
N SER A 200 13.95 -15.10 -0.56
CA SER A 200 14.00 -14.44 -1.86
C SER A 200 13.05 -13.25 -1.87
N GLU A 201 13.18 -12.42 -2.89
CA GLU A 201 12.25 -11.28 -3.09
C GLU A 201 12.09 -10.43 -1.82
N ASP A 202 10.85 -10.09 -1.47
CA ASP A 202 10.57 -9.16 -0.38
C ASP A 202 11.13 -9.65 0.96
N SER A 203 11.02 -10.95 1.22
CA SER A 203 11.48 -11.54 2.49
C SER A 203 12.99 -11.32 2.66
N ALA A 204 13.74 -11.59 1.58
CA ALA A 204 15.18 -11.34 1.54
C ALA A 204 15.50 -9.86 1.80
N PHE A 205 14.79 -8.97 1.10
CA PHE A 205 14.93 -7.52 1.27
C PHE A 205 14.75 -7.05 2.73
N TYR A 206 13.65 -7.49 3.35
CA TYR A 206 13.38 -7.12 4.75
C TYR A 206 14.42 -7.65 5.68
N LEU A 207 14.88 -8.88 5.48
CA LEU A 207 15.97 -9.43 6.30
C LEU A 207 17.28 -8.65 6.12
N GLY A 208 17.50 -8.12 4.92
CA GLY A 208 18.59 -7.18 4.66
C GLY A 208 18.47 -5.93 5.50
N VAL A 209 17.26 -5.37 5.53
CA VAL A 209 16.98 -4.21 6.34
C VAL A 209 17.20 -4.53 7.84
N ASN A 210 16.67 -5.67 8.28
CA ASN A 210 16.88 -6.11 9.68
C ASN A 210 18.39 -6.17 10.02
N ALA A 211 19.15 -6.83 9.18
CA ALA A 211 20.58 -6.96 9.37
C ALA A 211 21.31 -5.61 9.53
N LEU A 212 20.96 -4.63 8.69
CA LEU A 212 21.50 -3.27 8.82
C LEU A 212 21.24 -2.58 10.17
N THR A 213 20.04 -2.77 10.73
CA THR A 213 19.70 -2.21 12.04
C THR A 213 20.55 -2.77 13.19
N TYR A 214 21.09 -3.97 13.04
CA TYR A 214 22.05 -4.53 14.00
C TYR A 214 23.50 -4.35 13.51
N ASP A 215 23.69 -3.54 12.47
CA ASP A 215 25.00 -3.29 11.84
C ASP A 215 25.74 -4.53 11.35
N LYS A 216 24.99 -5.50 10.86
CA LYS A 216 25.56 -6.68 10.24
C LYS A 216 25.58 -6.46 8.73
N THR A 217 26.59 -5.72 8.25
CA THR A 217 26.53 -5.18 6.88
C THR A 217 26.87 -6.20 5.78
N GLU A 218 27.79 -7.13 6.04
CA GLU A 218 28.08 -8.19 5.05
C GLU A 218 26.86 -9.14 4.90
N LEU A 219 26.24 -9.49 6.03
CA LEU A 219 25.00 -10.27 6.04
C LEU A 219 23.89 -9.54 5.29
N ALA A 220 23.72 -8.24 5.57
CA ALA A 220 22.75 -7.41 4.89
C ALA A 220 22.96 -7.48 3.38
N TYR A 221 24.21 -7.27 2.98
CA TYR A 221 24.62 -7.30 1.58
C TYR A 221 24.21 -8.61 0.93
N ASP A 222 24.41 -9.74 1.62
CA ASP A 222 24.01 -11.03 1.09
C ASP A 222 22.50 -11.14 0.91
N PHE A 223 21.72 -10.69 1.89
CA PHE A 223 20.27 -10.64 1.74
C PHE A 223 19.82 -9.78 0.56
N PHE A 224 20.39 -8.58 0.44
CA PHE A 224 20.00 -7.66 -0.63
C PHE A 224 20.36 -8.16 -2.02
N LYS A 225 21.50 -8.86 -2.11
CA LYS A 225 21.93 -9.51 -3.32
C LYS A 225 20.94 -10.58 -3.76
N LYS A 226 20.52 -11.41 -2.81
CA LYS A 226 19.52 -12.43 -3.09
C LYS A 226 18.17 -11.83 -3.53
N ALA A 227 17.79 -10.71 -2.91
CA ALA A 227 16.61 -9.95 -3.39
C ALA A 227 16.80 -9.45 -4.81
N ALA A 228 17.95 -8.84 -5.07
CA ALA A 228 18.26 -8.30 -6.41
C ALA A 228 18.21 -9.38 -7.50
N GLN A 229 18.65 -10.59 -7.14
CA GLN A 229 18.66 -11.72 -8.06
C GLN A 229 17.30 -12.34 -8.31
N SER A 230 16.33 -12.11 -7.42
CA SER A 230 15.04 -12.81 -7.45
C SER A 230 13.82 -11.91 -7.69
N PHE A 231 13.92 -10.61 -7.41
CA PHE A 231 12.77 -9.71 -7.64
C PHE A 231 12.35 -9.75 -9.11
N LYS A 232 11.05 -9.70 -9.39
CA LYS A 232 10.57 -9.66 -10.77
C LYS A 232 10.41 -8.25 -11.29
N SER A 233 10.24 -7.26 -10.40
CA SER A 233 10.07 -5.89 -10.86
C SER A 233 11.40 -5.19 -10.84
N GLN A 234 11.63 -4.39 -11.87
CA GLN A 234 12.90 -3.68 -12.03
C GLN A 234 13.10 -2.62 -10.93
N SER A 235 12.00 -1.99 -10.52
CA SER A 235 12.00 -1.03 -9.44
C SER A 235 12.48 -1.63 -8.10
N ASN A 236 11.93 -2.79 -7.74
CA ASN A 236 12.41 -3.49 -6.52
C ASN A 236 13.87 -3.98 -6.67
N LYS A 237 14.20 -4.49 -7.85
CA LYS A 237 15.56 -4.92 -8.12
C LYS A 237 16.55 -3.75 -7.94
N ASP A 238 16.20 -2.56 -8.46
CA ASP A 238 17.01 -1.33 -8.31
C ASP A 238 17.20 -0.94 -6.84
N ASN A 239 16.12 -1.00 -6.06
CA ASN A 239 16.16 -0.72 -4.61
C ASN A 239 17.17 -1.65 -3.87
N ALA A 240 17.12 -2.95 -4.16
CA ALA A 240 18.11 -3.89 -3.61
C ALA A 240 19.56 -3.62 -4.07
N ILE A 241 19.75 -3.34 -5.37
CA ILE A 241 21.09 -3.04 -5.91
C ILE A 241 21.69 -1.78 -5.30
N PHE A 242 20.86 -0.76 -5.10
CA PHE A 242 21.26 0.42 -4.37
C PHE A 242 21.85 0.12 -2.98
N TRP A 243 21.21 -0.79 -2.22
CA TRP A 243 21.76 -1.22 -0.91
C TRP A 243 23.07 -1.98 -1.05
N MET A 244 23.16 -2.82 -2.10
CA MET A 244 24.41 -3.51 -2.39
C MET A 244 25.54 -2.51 -2.55
N TRP A 245 25.25 -1.41 -3.26
CA TRP A 245 26.19 -0.34 -3.52
C TRP A 245 26.49 0.50 -2.28
N LEU A 246 25.46 0.89 -1.52
CA LEU A 246 25.73 1.60 -0.26
C LEU A 246 26.61 0.81 0.70
N ILE A 247 26.49 -0.52 0.73
CA ILE A 247 27.28 -1.32 1.68
C ILE A 247 28.76 -1.50 1.23
N LYS A 248 28.98 -1.98 0.01
CA LYS A 248 30.32 -2.33 -0.47
C LYS A 248 30.96 -1.37 -1.49
N ASN A 249 30.19 -0.43 -2.03
CA ASN A 249 30.72 0.62 -2.92
C ASN A 249 31.30 0.09 -4.26
N ASN A 250 30.85 -1.08 -4.72
CA ASN A 250 31.33 -1.65 -6.00
C ASN A 250 30.81 -0.86 -7.20
N GLU A 251 31.72 -0.37 -8.04
CA GLU A 251 31.38 0.49 -9.20
C GLU A 251 30.40 -0.12 -10.19
N GLU A 252 30.48 -1.43 -10.37
CA GLU A 252 29.58 -2.12 -11.30
C GLU A 252 28.11 -2.15 -10.83
N ASP A 253 27.88 -2.10 -9.51
CA ASP A 253 26.50 -1.98 -8.98
C ASP A 253 25.91 -0.60 -9.28
N LEU A 254 26.69 0.44 -9.03
CA LEU A 254 26.26 1.79 -9.35
C LEU A 254 26.00 1.98 -10.86
N LYS A 255 26.88 1.41 -11.69
CA LYS A 255 26.73 1.41 -13.16
C LYS A 255 25.43 0.72 -13.61
N THR A 256 25.20 -0.50 -13.10
CA THR A 256 23.96 -1.25 -13.41
C THR A 256 22.71 -0.48 -13.01
N LEU A 257 22.74 0.11 -11.82
CA LEU A 257 21.63 0.91 -11.34
C LEU A 257 21.41 2.12 -12.26
N SER A 258 22.50 2.80 -12.65
CA SER A 258 22.40 3.98 -13.54
C SER A 258 21.79 3.67 -14.93
N GLN A 259 21.89 2.42 -15.38
CA GLN A 259 21.37 1.98 -16.69
C GLN A 259 19.96 1.39 -16.61
N SER A 260 19.31 1.44 -15.44
CA SER A 260 17.94 0.91 -15.30
C SER A 260 16.96 1.70 -16.17
N SER A 261 16.08 0.99 -16.84
CA SER A 261 14.99 1.58 -17.59
C SER A 261 13.80 1.91 -16.68
N SER A 262 13.84 1.42 -15.44
CA SER A 262 12.87 1.84 -14.42
C SER A 262 13.26 3.21 -13.89
N LEU A 263 12.26 4.07 -13.81
CA LEU A 263 12.45 5.41 -13.32
C LEU A 263 11.98 5.46 -11.86
N ASN A 264 12.93 5.49 -10.94
CA ASN A 264 12.65 5.51 -9.51
C ASN A 264 13.78 6.28 -8.81
N ILE A 265 13.61 6.59 -7.52
CA ILE A 265 14.61 7.42 -6.86
C ILE A 265 16.02 6.86 -6.92
N TYR A 266 16.17 5.53 -6.92
CA TYR A 266 17.49 4.91 -6.89
C TYR A 266 18.18 4.97 -8.27
N SER A 267 17.44 4.66 -9.34
CA SER A 267 17.98 4.82 -10.69
C SER A 267 18.28 6.29 -10.99
N LEU A 268 17.41 7.20 -10.55
CA LEU A 268 17.66 8.64 -10.76
C LEU A 268 18.91 9.11 -10.03
N TYR A 269 19.06 8.69 -8.78
CA TYR A 269 20.22 9.11 -8.01
C TYR A 269 21.52 8.55 -8.60
N ALA A 270 21.49 7.29 -9.03
CA ALA A 270 22.64 6.67 -9.70
C ALA A 270 23.04 7.39 -10.98
N LYS A 271 22.06 7.85 -11.76
CA LYS A 271 22.34 8.65 -12.95
C LYS A 271 23.02 9.97 -12.59
N GLU A 272 22.52 10.67 -11.57
CA GLU A 272 23.17 11.87 -11.07
C GLU A 272 24.64 11.61 -10.69
N LEU A 273 24.88 10.56 -9.91
CA LEU A 273 26.23 10.23 -9.44
C LEU A 273 27.24 9.83 -10.53
N THR A 274 26.76 9.25 -11.64
CA THR A 274 27.59 8.80 -12.75
C THR A 274 27.57 9.77 -13.95
N ASN A 275 26.91 10.94 -13.82
CA ASN A 275 26.71 11.90 -14.93
C ASN A 275 26.04 11.31 -16.17
N THR A 276 25.12 10.38 -15.92
CA THR A 276 24.34 9.73 -16.99
C THR A 276 23.20 10.67 -17.31
N PRO A 277 22.87 10.83 -18.61
CA PRO A 277 21.79 11.78 -18.93
C PRO A 277 20.43 11.41 -18.32
N PHE A 278 19.60 12.41 -18.08
CA PHE A 278 18.29 12.22 -17.49
C PHE A 278 17.45 11.30 -18.40
N PRO A 279 16.60 10.44 -17.83
CA PRO A 279 15.77 9.61 -18.73
C PRO A 279 14.85 10.40 -19.69
N LYS A 280 14.59 9.83 -20.85
CA LYS A 280 13.63 10.37 -21.83
C LYS A 280 12.18 10.35 -21.33
N ILE A 281 11.57 11.52 -21.32
CA ILE A 281 10.20 11.71 -20.88
C ILE A 281 9.40 12.06 -22.12
N GLU A 282 8.26 11.40 -22.30
CA GLU A 282 7.41 11.63 -23.46
C GLU A 282 6.75 12.98 -23.32
N SER A 283 6.36 13.56 -24.44
CA SER A 283 5.73 14.87 -24.43
C SER A 283 4.42 14.78 -25.17
N LEU A 284 3.32 14.97 -24.46
CA LEU A 284 1.98 14.86 -25.06
C LEU A 284 1.32 16.23 -25.02
N ASN A 285 0.77 16.65 -26.14
CA ASN A 285 0.11 17.96 -26.19
C ASN A 285 -0.93 17.98 -27.30
N PRO A 286 -2.07 17.34 -27.08
CA PRO A 286 -3.08 17.22 -28.14
C PRO A 286 -3.53 18.58 -28.70
N SER A 287 -3.73 18.63 -30.00
CA SER A 287 -4.19 19.82 -30.73
C SER A 287 -5.59 20.21 -30.40
N LYS A 288 -6.47 19.22 -30.32
CA LYS A 288 -7.88 19.43 -30.00
C LYS A 288 -8.08 19.73 -28.50
N LYS A 289 -8.93 20.71 -28.18
CA LYS A 289 -9.08 21.14 -26.77
C LYS A 289 -10.05 20.24 -26.01
N LYS A 290 -11.16 19.88 -26.63
CA LYS A 290 -12.13 19.05 -25.95
C LYS A 290 -13.00 18.32 -26.95
N ASN A 291 -13.72 17.34 -26.44
CA ASN A 291 -14.71 16.62 -27.24
C ASN A 291 -15.96 16.44 -26.40
N ASN A 292 -16.78 15.43 -26.69
CA ASN A 292 -18.07 15.25 -26.00
C ASN A 292 -18.01 14.36 -24.77
N PHE A 293 -16.85 13.80 -24.48
CA PHE A 293 -16.72 12.94 -23.30
C PHE A 293 -16.75 13.78 -22.01
N ASN A 294 -17.51 13.30 -21.02
CA ASN A 294 -17.68 14.00 -19.77
C ASN A 294 -16.67 13.49 -18.73
N MET A 295 -15.63 14.31 -18.51
CA MET A 295 -14.57 13.99 -17.59
C MET A 295 -14.95 14.14 -16.12
N GLN A 296 -16.14 14.69 -15.84
CA GLN A 296 -16.70 14.78 -14.48
C GLN A 296 -17.72 13.67 -14.18
N ASP A 297 -17.93 12.74 -15.10
CA ASP A 297 -18.87 11.63 -14.89
C ASP A 297 -18.13 10.36 -14.44
N PRO A 298 -18.25 10.01 -13.15
CA PRO A 298 -17.48 8.86 -12.64
C PRO A 298 -17.84 7.51 -13.23
N PHE A 299 -19.11 7.33 -13.60
CA PHE A 299 -19.58 6.09 -14.21
C PHE A 299 -18.98 5.89 -15.60
N ALA A 300 -18.80 7.00 -16.33
CA ALA A 300 -18.23 6.96 -17.66
C ALA A 300 -16.75 6.55 -17.56
N TRP A 301 -16.05 7.01 -16.53
CA TRP A 301 -14.65 6.59 -16.37
C TRP A 301 -14.56 5.07 -16.04
N GLN A 302 -15.43 4.57 -15.17
CA GLN A 302 -15.38 3.15 -14.81
C GLN A 302 -15.61 2.26 -16.07
N LYS A 303 -16.52 2.70 -16.93
CA LYS A 303 -16.82 1.99 -18.16
C LYS A 303 -15.61 1.99 -19.11
N ILE A 304 -15.07 3.18 -19.38
CA ILE A 304 -13.96 3.30 -20.35
C ILE A 304 -12.67 2.63 -19.83
N ASN A 305 -12.47 2.65 -18.52
CA ASN A 305 -11.33 1.94 -17.91
C ASN A 305 -11.32 0.44 -18.28
N LYS A 306 -12.49 -0.19 -18.27
CA LYS A 306 -12.64 -1.61 -18.60
C LYS A 306 -12.45 -1.85 -20.08
N GLN A 307 -12.97 -0.93 -20.90
CA GLN A 307 -12.76 -0.97 -22.34
C GLN A 307 -11.28 -0.90 -22.69
N ILE A 308 -10.54 -0.01 -22.03
CA ILE A 308 -9.10 0.14 -22.29
C ILE A 308 -8.32 -1.11 -21.85
N ARG A 309 -8.70 -1.69 -20.71
CA ARG A 309 -8.06 -2.91 -20.20
C ARG A 309 -8.21 -4.06 -21.19
N ASP A 310 -9.41 -4.20 -21.77
CA ASP A 310 -9.72 -5.29 -22.70
C ASP A 310 -9.26 -5.10 -24.16
N ALA A 311 -8.76 -3.91 -24.52
CA ALA A 311 -8.39 -3.59 -25.91
C ALA A 311 -7.11 -4.25 -26.39
N ASN A 312 -7.12 -4.76 -27.62
CA ASN A 312 -5.87 -5.11 -28.30
C ASN A 312 -5.22 -3.83 -28.92
N ALA A 313 -4.08 -3.98 -29.61
CA ALA A 313 -3.34 -2.82 -30.15
C ALA A 313 -4.20 -1.93 -31.06
N SER A 314 -4.99 -2.57 -31.93
CA SER A 314 -5.87 -1.87 -32.87
C SER A 314 -6.95 -1.09 -32.17
N GLN A 315 -7.59 -1.72 -31.20
CA GLN A 315 -8.61 -1.08 -30.41
C GLN A 315 -8.01 0.08 -29.59
N LEU A 316 -6.77 -0.06 -29.13
CA LEU A 316 -6.10 1.01 -28.38
C LEU A 316 -5.80 2.20 -29.30
N ASP A 317 -5.43 1.93 -30.55
CA ASP A 317 -5.19 2.99 -31.54
C ASP A 317 -6.47 3.79 -31.79
N VAL A 318 -7.59 3.10 -31.91
CA VAL A 318 -8.88 3.76 -32.06
C VAL A 318 -9.23 4.58 -30.82
N LEU A 319 -9.09 4.00 -29.63
CA LEU A 319 -9.33 4.74 -28.39
C LEU A 319 -8.43 5.99 -28.22
N ALA A 320 -7.16 5.85 -28.57
CA ALA A 320 -6.23 6.97 -28.48
C ALA A 320 -6.75 8.17 -29.28
N LYS A 321 -7.19 7.90 -30.52
CA LYS A 321 -7.73 8.93 -31.40
C LYS A 321 -8.97 9.58 -30.81
N GLU A 322 -9.85 8.76 -30.22
CA GLU A 322 -11.05 9.23 -29.54
C GLU A 322 -10.77 10.17 -28.34
N PHE A 323 -9.70 9.92 -27.60
CA PHE A 323 -9.35 10.70 -26.40
C PHE A 323 -8.15 11.63 -26.56
N ASP A 324 -7.78 11.91 -27.81
CA ASP A 324 -6.67 12.80 -28.10
C ASP A 324 -7.14 14.27 -28.00
N THR A 325 -7.41 14.72 -26.78
CA THR A 325 -7.77 16.11 -26.51
C THR A 325 -7.08 16.56 -25.23
N GLN A 326 -7.03 17.89 -25.05
CA GLN A 326 -6.50 18.50 -23.81
C GLN A 326 -7.34 18.10 -22.61
N GLU A 327 -8.66 18.25 -22.73
CA GLU A 327 -9.63 17.87 -21.70
C GLU A 327 -9.57 16.37 -21.31
N THR A 328 -9.34 15.51 -22.29
CA THR A 328 -9.23 14.07 -22.00
C THR A 328 -7.80 13.53 -21.91
N LEU A 329 -6.83 14.42 -21.69
CA LEU A 329 -5.40 14.05 -21.68
C LEU A 329 -5.04 12.90 -20.73
N PRO A 330 -5.60 12.92 -19.49
CA PRO A 330 -5.30 11.80 -18.57
C PRO A 330 -5.69 10.42 -19.14
N ILE A 331 -6.81 10.36 -19.85
CA ILE A 331 -7.23 9.12 -20.50
C ILE A 331 -6.34 8.78 -21.69
N TYR A 332 -6.02 9.79 -22.51
CA TYR A 332 -5.05 9.66 -23.60
C TYR A 332 -3.71 9.09 -23.15
N ALA A 333 -3.15 9.64 -22.07
CA ALA A 333 -1.87 9.14 -21.53
C ALA A 333 -1.98 7.71 -20.97
N TYR A 334 -3.11 7.43 -20.32
CA TYR A 334 -3.45 6.09 -19.78
C TYR A 334 -3.53 5.06 -20.91
N ILE A 335 -4.16 5.44 -22.02
CA ILE A 335 -4.16 4.60 -23.24
C ILE A 335 -2.74 4.35 -23.79
N LEU A 336 -1.94 5.42 -23.94
CA LEU A 336 -0.59 5.30 -24.50
C LEU A 336 0.38 4.52 -23.62
N GLU A 337 0.23 4.64 -22.30
CA GLU A 337 1.01 3.80 -21.39
C GLU A 337 0.89 2.34 -21.75
N ARG A 338 -0.35 1.92 -21.99
CA ARG A 338 -0.66 0.53 -22.25
C ARG A 338 -0.26 0.13 -23.65
N LYS A 339 -0.55 0.98 -24.63
CA LYS A 339 -0.09 0.72 -26.00
C LYS A 339 1.43 0.51 -26.07
N ASN A 340 2.20 1.24 -25.26
CA ASN A 340 3.67 1.10 -25.21
C ASN A 340 4.17 0.15 -24.11
N ASN A 341 3.26 -0.69 -23.61
CA ASN A 341 3.54 -1.71 -22.60
C ASN A 341 4.37 -1.23 -21.41
N PHE A 342 4.04 -0.02 -20.94
CA PHE A 342 4.67 0.56 -19.73
C PHE A 342 6.21 0.74 -19.86
N LYS A 343 6.71 0.86 -21.09
CA LYS A 343 8.14 1.05 -21.36
C LYS A 343 8.51 2.51 -21.57
N LYS A 344 7.52 3.38 -21.80
CA LYS A 344 7.77 4.81 -21.95
C LYS A 344 7.36 5.55 -20.68
N HIS A 345 7.93 6.74 -20.49
CA HIS A 345 7.74 7.56 -19.28
C HIS A 345 6.81 8.75 -19.55
N TYR A 346 5.57 8.67 -19.04
CA TYR A 346 4.56 9.72 -19.20
C TYR A 346 4.42 10.52 -17.90
N PHE A 347 4.67 11.83 -18.03
CA PHE A 347 4.61 12.79 -16.92
C PHE A 347 3.86 14.01 -17.41
N ILE A 348 2.55 13.85 -17.53
CA ILE A 348 1.69 14.88 -18.11
C ILE A 348 1.44 16.02 -17.12
N MET A 349 0.96 17.14 -17.67
CA MET A 349 0.62 18.33 -16.90
CA MET A 349 0.65 18.35 -16.92
C MET A 349 -0.74 18.85 -17.34
N PRO A 350 -1.80 18.08 -17.04
CA PRO A 350 -3.11 18.47 -17.55
C PRO A 350 -3.78 19.59 -16.74
N TYR A 351 -4.70 20.29 -17.40
CA TYR A 351 -5.46 21.40 -16.76
C TYR A 351 -4.48 22.40 -16.13
N TYR A 352 -3.42 22.69 -16.87
CA TYR A 352 -2.24 23.39 -16.37
C TYR A 352 -2.54 24.86 -16.00
N ASP A 353 -3.53 25.46 -16.67
CA ASP A 353 -3.92 26.84 -16.37
C ASP A 353 -4.30 27.06 -14.89
N ASN A 354 -4.72 25.99 -14.21
CA ASN A 354 -5.06 26.09 -12.78
C ASN A 354 -3.84 26.14 -11.84
N ILE A 355 -2.67 25.72 -12.30
CA ILE A 355 -1.48 25.75 -11.46
C ILE A 355 -0.32 26.62 -11.95
N LYS A 356 -0.46 27.22 -13.15
CA LYS A 356 0.63 27.95 -13.81
C LYS A 356 1.15 29.15 -13.03
N ASP A 357 0.34 29.71 -12.15
CA ASP A 357 0.73 30.86 -11.34
C ASP A 357 1.30 30.51 -9.96
N TYR A 358 1.35 29.22 -9.60
CA TYR A 358 2.18 28.81 -8.47
C TYR A 358 3.63 28.74 -8.94
N ASN A 359 4.56 28.85 -8.01
CA ASN A 359 5.98 28.72 -8.35
C ASN A 359 6.26 27.28 -8.80
N LYS A 360 7.36 27.10 -9.51
CA LYS A 360 7.61 25.85 -10.21
C LYS A 360 7.82 24.64 -9.27
N THR A 361 8.38 24.88 -8.09
CA THR A 361 8.57 23.81 -7.12
C THR A 361 7.23 23.32 -6.60
N ARG A 362 6.34 24.26 -6.29
CA ARG A 362 4.99 23.93 -5.84
C ARG A 362 4.21 23.20 -6.92
N GLN A 363 4.28 23.69 -8.15
CA GLN A 363 3.78 22.93 -9.31
C GLN A 363 4.30 21.47 -9.35
N ALA A 364 5.59 21.28 -9.21
CA ALA A 364 6.19 19.94 -9.25
C ALA A 364 5.64 19.01 -8.14
N LEU A 365 5.46 19.57 -6.94
CA LEU A 365 4.91 18.83 -5.82
C LEU A 365 3.43 18.44 -6.04
N ILE A 366 2.63 19.37 -6.56
CA ILE A 366 1.23 19.10 -6.87
C ILE A 366 1.11 18.03 -7.96
N LEU A 367 1.89 18.19 -9.02
CA LEU A 367 1.90 17.24 -10.13
C LEU A 367 2.39 15.87 -9.67
N ALA A 368 3.44 15.86 -8.86
CA ALA A 368 4.00 14.59 -8.35
C ALA A 368 2.96 13.78 -7.55
N ILE A 369 2.21 14.47 -6.69
CA ILE A 369 1.17 13.86 -5.87
C ILE A 369 0.05 13.36 -6.78
N ALA A 370 -0.47 14.24 -7.64
CA ALA A 370 -1.56 13.89 -8.55
C ALA A 370 -1.21 12.66 -9.43
N ARG A 371 0.01 12.63 -9.95
CA ARG A 371 0.41 11.54 -10.82
C ARG A 371 0.33 10.20 -10.07
N GLN A 372 0.86 10.18 -8.85
CA GLN A 372 0.81 8.95 -8.05
C GLN A 372 -0.62 8.59 -7.57
N GLU A 373 -1.39 9.60 -7.16
CA GLU A 373 -2.72 9.39 -6.61
C GLU A 373 -3.71 8.81 -7.59
N SER A 374 -3.79 9.41 -8.77
CA SER A 374 -4.89 9.15 -9.72
C SER A 374 -4.49 8.97 -11.18
N ARG A 375 -3.20 9.13 -11.51
CA ARG A 375 -2.75 9.33 -12.88
C ARG A 375 -3.59 10.45 -13.57
N PHE A 376 -3.98 11.44 -12.77
CA PHE A 376 -4.75 12.61 -13.19
C PHE A 376 -6.21 12.38 -13.63
N ILE A 377 -6.76 11.19 -13.36
CA ILE A 377 -8.14 10.91 -13.74
C ILE A 377 -9.04 11.72 -12.81
N PRO A 378 -9.83 12.67 -13.37
CA PRO A 378 -10.59 13.54 -12.48
C PRO A 378 -11.64 12.87 -11.61
N THR A 379 -12.20 11.72 -12.03
CA THR A 379 -13.17 11.01 -11.20
C THR A 379 -12.61 9.73 -10.55
N ALA A 380 -11.31 9.71 -10.30
CA ALA A 380 -10.66 8.59 -9.61
C ALA A 380 -11.30 8.41 -8.23
N ILE A 381 -11.55 7.15 -7.87
CA ILE A 381 -12.15 6.81 -6.57
C ILE A 381 -11.40 5.60 -6.03
N SER A 382 -10.81 5.74 -4.85
CA SER A 382 -10.09 4.65 -4.21
C SER A 382 -11.02 3.70 -3.49
N VAL A 383 -10.44 2.61 -3.00
CA VAL A 383 -11.17 1.65 -2.16
C VAL A 383 -11.69 2.19 -0.83
N SER A 384 -11.11 3.28 -0.33
CA SER A 384 -11.64 3.97 0.86
C SER A 384 -12.44 5.23 0.48
N TYR A 385 -12.80 5.36 -0.81
CA TYR A 385 -13.54 6.51 -1.37
C TYR A 385 -12.85 7.86 -1.26
N ALA A 386 -11.51 7.87 -1.37
CA ALA A 386 -10.79 9.11 -1.64
C ALA A 386 -11.13 9.51 -3.08
N LEU A 387 -11.23 10.81 -3.30
CA LEU A 387 -11.91 11.37 -4.47
C LEU A 387 -11.05 12.26 -5.33
N GLY A 388 -11.19 12.07 -6.64
CA GLY A 388 -10.66 12.99 -7.63
C GLY A 388 -9.19 12.87 -7.89
N MET A 389 -8.67 13.81 -8.65
CA MET A 389 -7.26 13.82 -9.06
C MET A 389 -6.30 13.81 -7.89
N MET A 390 -6.64 14.57 -6.85
CA MET A 390 -5.80 14.68 -5.67
C MET A 390 -6.14 13.71 -4.54
N GLN A 391 -7.15 12.86 -4.77
CA GLN A 391 -7.53 11.79 -3.84
C GLN A 391 -7.71 12.28 -2.38
N PHE A 392 -8.59 13.25 -2.22
CA PHE A 392 -9.02 13.67 -0.88
C PHE A 392 -10.03 12.71 -0.30
N MET A 393 -9.82 12.35 0.96
CA MET A 393 -10.83 11.68 1.75
C MET A 393 -12.00 12.66 1.97
N PRO A 394 -13.25 12.17 1.87
CA PRO A 394 -14.40 13.05 2.07
C PRO A 394 -14.33 13.94 3.33
N PHE A 395 -13.87 13.38 4.45
CA PHE A 395 -13.82 14.17 5.69
C PHE A 395 -12.91 15.39 5.54
N LEU A 396 -11.79 15.24 4.83
CA LEU A 396 -10.85 16.34 4.65
C LEU A 396 -11.37 17.37 3.64
N ALA A 397 -11.96 16.89 2.56
CA ALA A 397 -12.54 17.76 1.54
C ALA A 397 -13.64 18.63 2.14
N ASN A 398 -14.48 18.03 2.97
CA ASN A 398 -15.56 18.75 3.65
C ASN A 398 -15.02 19.74 4.66
N HIS A 399 -14.05 19.33 5.46
CA HIS A 399 -13.39 20.26 6.38
C HIS A 399 -12.85 21.50 5.67
N ILE A 400 -12.08 21.28 4.61
CA ILE A 400 -11.53 22.41 3.84
C ILE A 400 -12.63 23.23 3.17
N GLY A 401 -13.59 22.56 2.54
CA GLY A 401 -14.63 23.24 1.77
C GLY A 401 -15.68 23.95 2.61
N GLU A 402 -16.19 23.26 3.64
CA GLU A 402 -17.28 23.78 4.47
C GLU A 402 -16.75 24.70 5.58
N LYS A 403 -15.76 24.24 6.34
CA LYS A 403 -15.27 25.02 7.49
C LYS A 403 -14.29 26.11 7.08
N GLU A 404 -13.19 25.73 6.46
CA GLU A 404 -12.07 26.65 6.29
C GLU A 404 -12.34 27.66 5.17
N LEU A 405 -12.83 27.21 4.02
CA LEU A 405 -13.06 28.09 2.89
C LEU A 405 -14.51 28.57 2.73
N LYS A 406 -15.47 27.91 3.38
CA LYS A 406 -16.87 28.35 3.36
C LYS A 406 -17.40 28.56 1.93
N ILE A 407 -17.17 27.55 1.07
CA ILE A 407 -17.60 27.63 -0.32
C ILE A 407 -19.11 27.43 -0.34
N PRO A 408 -19.86 28.39 -0.94
CA PRO A 408 -21.32 28.21 -1.02
C PRO A 408 -21.72 26.93 -1.73
N ASN A 409 -22.67 26.21 -1.11
CA ASN A 409 -23.24 24.99 -1.66
C ASN A 409 -22.19 23.90 -1.90
N PHE A 410 -21.19 23.81 -1.01
CA PHE A 410 -20.10 22.83 -1.21
C PHE A 410 -20.60 21.40 -1.07
N ASP A 411 -20.20 20.56 -2.00
CA ASP A 411 -20.33 19.13 -1.84
C ASP A 411 -18.97 18.47 -2.10
N GLN A 412 -18.70 17.39 -1.38
CA GLN A 412 -17.49 16.59 -1.60
C GLN A 412 -17.23 16.16 -3.05
N ASP A 413 -18.27 15.98 -3.86
CA ASP A 413 -18.07 15.70 -5.30
C ASP A 413 -17.43 16.83 -6.12
N PHE A 414 -17.34 18.04 -5.55
CA PHE A 414 -16.53 19.13 -6.14
C PHE A 414 -15.07 18.69 -6.33
N MET A 415 -14.60 17.69 -5.58
CA MET A 415 -13.22 17.17 -5.74
C MET A 415 -12.96 16.52 -7.09
N PHE A 416 -14.02 16.17 -7.81
CA PHE A 416 -13.94 15.72 -9.20
C PHE A 416 -13.64 16.79 -10.22
N LYS A 417 -13.77 18.08 -9.85
CA LYS A 417 -13.44 19.17 -10.76
C LYS A 417 -11.96 19.53 -10.59
N PRO A 418 -11.20 19.56 -11.70
CA PRO A 418 -9.77 19.79 -11.55
C PRO A 418 -9.36 21.12 -10.93
N GLU A 419 -10.15 22.17 -11.17
CA GLU A 419 -9.92 23.50 -10.57
C GLU A 419 -10.02 23.43 -9.05
N ILE A 420 -10.95 22.61 -8.53
CA ILE A 420 -11.10 22.41 -7.09
C ILE A 420 -10.01 21.49 -6.55
N ALA A 421 -9.79 20.35 -7.18
CA ALA A 421 -8.76 19.39 -6.74
C ALA A 421 -7.39 20.05 -6.60
N TYR A 422 -6.98 20.78 -7.63
CA TYR A 422 -5.67 21.42 -7.61
C TYR A 422 -5.62 22.54 -6.54
N TYR A 423 -6.72 23.29 -6.38
CA TYR A 423 -6.77 24.36 -5.38
C TYR A 423 -6.73 23.81 -3.93
N PHE A 424 -7.51 22.75 -3.66
CA PHE A 424 -7.50 22.09 -2.34
C PHE A 424 -6.15 21.39 -2.08
N GLY A 425 -5.62 20.75 -3.11
CA GLY A 425 -4.30 20.13 -3.01
C GLY A 425 -3.22 21.11 -2.62
N ASN A 426 -3.21 22.27 -3.31
CA ASN A 426 -2.30 23.35 -2.94
C ASN A 426 -2.46 23.81 -1.49
N TYR A 427 -3.71 24.02 -1.08
CA TYR A 427 -4.02 24.45 0.27
C TYR A 427 -3.51 23.47 1.35
N HIS A 428 -3.82 22.21 1.16
CA HIS A 428 -3.40 21.18 2.07
C HIS A 428 -1.89 20.91 2.05
N LEU A 429 -1.29 20.89 0.86
CA LEU A 429 0.15 20.68 0.73
C LEU A 429 0.94 21.84 1.37
N ASN A 430 0.38 23.04 1.29
CA ASN A 430 0.96 24.20 1.90
C ASN A 430 0.97 24.09 3.43
N TYR A 431 -0.16 23.67 4.01
CA TYR A 431 -0.21 23.35 5.45
C TYR A 431 0.82 22.27 5.84
N LEU A 432 0.91 21.20 5.07
CA LEU A 432 1.85 20.11 5.41
C LEU A 432 3.30 20.55 5.30
N GLU A 433 3.59 21.28 4.23
CA GLU A 433 4.94 21.82 4.01
C GLU A 433 5.39 22.80 5.07
N SER A 434 4.47 23.65 5.54
CA SER A 434 4.77 24.63 6.58
C SER A 434 5.23 23.95 7.88
N ARG A 435 4.78 22.72 8.11
CA ARG A 435 5.18 21.95 9.29
C ARG A 435 6.29 20.93 9.07
N LEU A 436 6.45 20.41 7.86
CA LEU A 436 7.37 19.26 7.60
C LEU A 436 8.58 19.57 6.71
N LYS A 437 8.52 20.66 5.95
CA LYS A 437 9.57 21.06 4.99
C LYS A 437 9.77 20.19 3.76
N SER A 438 10.29 18.98 3.94
CA SER A 438 10.77 18.17 2.83
C SER A 438 9.59 17.65 2.07
N PRO A 439 9.68 17.61 0.72
CA PRO A 439 8.62 16.99 -0.07
C PRO A 439 8.35 15.51 0.30
N LEU A 440 9.39 14.77 0.70
CA LEU A 440 9.20 13.38 1.16
C LEU A 440 8.29 13.30 2.38
N PHE A 441 8.56 14.14 3.39
CA PHE A 441 7.75 14.14 4.62
C PHE A 441 6.32 14.62 4.34
N VAL A 442 6.19 15.61 3.46
CA VAL A 442 4.88 16.06 3.01
C VAL A 442 4.11 14.91 2.35
N ALA A 443 4.77 14.11 1.52
CA ALA A 443 4.15 12.93 0.88
C ALA A 443 3.66 11.91 1.90
N TYR A 444 4.53 11.54 2.85
CA TYR A 444 4.12 10.64 3.96
C TYR A 444 2.85 11.14 4.64
N ALA A 445 2.83 12.43 4.93
CA ALA A 445 1.70 13.04 5.65
C ALA A 445 0.43 13.17 4.81
N TYR A 446 0.60 13.42 3.49
CA TYR A 446 -0.51 13.48 2.56
C TYR A 446 -1.24 12.15 2.52
N ASN A 447 -0.49 11.05 2.41
CA ASN A 447 -1.03 9.69 2.35
C ASN A 447 -1.48 9.11 3.71
N GLY A 448 -0.64 9.29 4.73
CA GLY A 448 -0.81 8.62 6.00
C GLY A 448 -1.27 9.49 7.16
N GLY A 449 -1.30 10.80 6.97
CA GLY A 449 -1.69 11.72 8.01
C GLY A 449 -0.49 12.33 8.69
N ILE A 450 -0.65 13.58 9.11
CA ILE A 450 0.47 14.29 9.77
C ILE A 450 0.75 13.73 11.18
N GLY A 451 -0.30 13.21 11.83
CA GLY A 451 -0.14 12.53 13.14
C GLY A 451 0.93 11.45 13.12
N PHE A 452 0.82 10.49 12.19
CA PHE A 452 1.82 9.40 12.12
C PHE A 452 3.20 9.93 11.73
N THR A 453 3.23 10.94 10.86
CA THR A 453 4.49 11.49 10.37
C THR A 453 5.21 12.23 11.50
N ASN A 454 4.50 13.06 12.24
CA ASN A 454 5.06 13.72 13.45
C ASN A 454 5.62 12.76 14.48
N ARG A 455 4.86 11.72 14.81
CA ARG A 455 5.33 10.68 15.74
C ARG A 455 6.58 9.98 15.21
N MET A 456 6.65 9.71 13.91
CA MET A 456 7.83 9.06 13.33
C MET A 456 9.07 9.94 13.44
N LEU A 457 8.94 11.22 13.05
CA LEU A 457 10.07 12.17 13.08
C LEU A 457 10.52 12.57 14.49
N ALA A 458 9.64 12.41 15.49
CA ALA A 458 9.96 12.66 16.89
C ALA A 458 10.84 11.56 17.44
N ARG A 459 10.83 10.37 16.81
CA ARG A 459 11.71 9.29 17.24
C ARG A 459 13.19 9.66 17.11
N ASN A 460 13.95 9.23 18.10
CA ASN A 460 15.38 9.48 18.17
C ASN A 460 16.16 8.63 17.15
N ASP A 461 15.55 7.57 16.63
CA ASP A 461 16.18 6.71 15.64
C ASP A 461 15.65 6.85 14.19
N MET A 462 14.87 7.88 13.87
CA MET A 462 14.33 8.05 12.50
C MET A 462 14.73 9.37 11.89
N PHE A 463 15.36 9.31 10.72
CA PHE A 463 15.79 10.48 9.96
C PHE A 463 16.73 11.39 10.78
N LYS A 464 17.67 10.75 11.47
CA LYS A 464 18.73 11.44 12.21
C LYS A 464 20.04 11.01 11.56
N THR A 465 21.15 11.58 11.99
CA THR A 465 22.48 11.27 11.46
C THR A 465 22.81 9.80 11.66
N GLY A 466 23.48 9.22 10.68
CA GLY A 466 23.84 7.81 10.76
C GLY A 466 24.44 7.37 9.44
N LYS A 467 25.17 6.25 9.49
CA LYS A 467 26.03 5.76 8.39
C LYS A 467 25.31 5.60 7.03
N PHE A 468 24.14 4.98 7.07
CA PHE A 468 23.30 4.73 5.88
C PHE A 468 22.04 5.61 5.82
N GLU A 469 22.08 6.78 6.49
CA GLU A 469 20.94 7.68 6.51
C GLU A 469 21.05 8.67 5.37
N PRO A 470 19.93 9.17 4.85
CA PRO A 470 18.55 8.90 5.29
C PRO A 470 17.92 7.62 4.70
N PHE A 471 18.69 6.82 3.98
CA PHE A 471 18.12 5.71 3.20
C PHE A 471 17.58 4.62 4.10
N LEU A 472 18.21 4.39 5.25
CA LEU A 472 17.74 3.35 6.17
C LEU A 472 16.38 3.74 6.79
N SER A 473 16.25 5.00 7.21
CA SER A 473 14.97 5.49 7.70
C SER A 473 13.79 5.37 6.70
N MET A 474 14.07 5.55 5.41
CA MET A 474 13.05 5.38 4.38
C MET A 474 12.55 3.96 4.28
N GLU A 475 13.39 2.98 4.59
CA GLU A 475 12.96 1.59 4.67
C GLU A 475 12.18 1.19 5.93
N LEU A 476 12.24 2.02 6.99
CA LEU A 476 11.63 1.76 8.28
C LEU A 476 10.40 2.62 8.57
N VAL A 477 9.88 3.34 7.58
CA VAL A 477 8.62 4.07 7.75
C VAL A 477 7.56 3.03 8.14
N PRO A 478 6.89 3.23 9.29
CA PRO A 478 6.17 2.12 9.91
C PRO A 478 4.81 1.70 9.28
N TYR A 479 4.34 2.38 8.23
CA TYR A 479 3.13 1.94 7.50
C TYR A 479 3.49 1.75 6.06
N GLN A 480 3.35 0.51 5.60
CA GLN A 480 3.76 0.07 4.27
C GLN A 480 3.29 0.98 3.13
N GLU A 481 2.03 1.36 3.13
CA GLU A 481 1.47 2.15 2.02
C GLU A 481 2.20 3.49 1.91
N SER A 482 2.45 4.13 3.05
CA SER A 482 3.13 5.41 3.08
C SER A 482 4.61 5.26 2.73
N ARG A 483 5.23 4.20 3.24
CA ARG A 483 6.61 3.86 2.93
CA ARG A 483 6.62 3.86 2.92
C ARG A 483 6.85 3.83 1.39
N ILE A 484 5.97 3.12 0.69
CA ILE A 484 6.08 3.00 -0.78
C ILE A 484 5.70 4.29 -1.47
N TYR A 485 4.57 4.87 -1.05
CA TYR A 485 4.04 6.11 -1.64
C TYR A 485 5.10 7.22 -1.66
N GLY A 486 5.79 7.44 -0.55
CA GLY A 486 6.77 8.52 -0.43
C GLY A 486 7.88 8.40 -1.48
N LYS A 487 8.36 7.18 -1.69
CA LYS A 487 9.41 6.93 -2.67
C LYS A 487 8.97 7.24 -4.11
N LYS A 488 7.75 6.85 -4.45
CA LYS A 488 7.17 7.12 -5.78
C LYS A 488 6.90 8.60 -6.00
N VAL A 489 6.34 9.27 -4.99
CA VAL A 489 6.09 10.71 -5.12
C VAL A 489 7.42 11.47 -5.22
N LEU A 490 8.43 11.05 -4.46
CA LEU A 490 9.72 11.74 -4.51
C LEU A 490 10.33 11.64 -5.92
N ALA A 491 10.30 10.45 -6.52
CA ALA A 491 10.74 10.29 -7.92
C ALA A 491 9.98 11.24 -8.87
N ASN A 492 8.65 11.25 -8.74
CA ASN A 492 7.81 12.08 -9.61
C ASN A 492 8.15 13.57 -9.46
N TYR A 493 8.41 14.00 -8.22
CA TYR A 493 8.80 15.37 -7.89
C TYR A 493 10.12 15.78 -8.58
N ILE A 494 11.10 14.90 -8.56
CA ILE A 494 12.38 15.14 -9.27
C ILE A 494 12.19 15.31 -10.79
N VAL A 495 11.39 14.42 -11.38
CA VAL A 495 11.12 14.48 -12.80
C VAL A 495 10.38 15.75 -13.17
N TYR A 496 9.30 16.08 -12.44
CA TYR A 496 8.53 17.30 -12.74
C TYR A 496 9.39 18.57 -12.55
N ARG A 497 10.20 18.59 -11.49
CA ARG A 497 11.14 19.72 -11.31
C ARG A 497 12.08 19.87 -12.52
N HIS A 498 12.61 18.75 -13.00
CA HIS A 498 13.40 18.71 -14.23
C HIS A 498 12.62 19.23 -15.46
N LEU A 499 11.40 18.75 -15.65
CA LEU A 499 10.57 19.15 -16.81
C LEU A 499 10.25 20.64 -16.81
N LEU A 500 10.15 21.22 -15.63
CA LEU A 500 9.84 22.64 -15.46
C LEU A 500 11.11 23.52 -15.42
N ASN A 501 12.27 22.95 -15.71
CA ASN A 501 13.58 23.64 -15.66
C ASN A 501 13.86 24.26 -14.29
N ASP A 502 13.56 23.47 -13.28
CA ASP A 502 13.64 23.87 -11.89
C ASP A 502 14.37 22.73 -11.17
N SER A 503 15.35 22.14 -11.85
CA SER A 503 16.03 20.92 -11.37
C SER A 503 16.72 21.17 -10.03
N ILE A 504 16.73 20.13 -9.22
CA ILE A 504 17.38 20.14 -7.91
C ILE A 504 18.28 18.93 -7.87
N LYS A 505 19.45 19.08 -7.24
CA LYS A 505 20.33 17.93 -7.03
C LYS A 505 19.62 16.95 -6.10
N ILE A 506 19.50 15.72 -6.55
CA ILE A 506 18.95 14.62 -5.75
C ILE A 506 19.69 14.47 -4.42
N SER A 507 21.02 14.62 -4.44
CA SER A 507 21.79 14.57 -3.18
C SER A 507 21.35 15.64 -2.15
N ASP A 508 20.97 16.84 -2.62
CA ASP A 508 20.51 17.89 -1.72
C ASP A 508 19.21 17.47 -1.07
N ILE A 509 18.31 16.86 -1.85
CA ILE A 509 17.05 16.37 -1.30
C ILE A 509 17.30 15.39 -0.14
N PHE A 510 18.18 14.40 -0.36
CA PHE A 510 18.48 13.41 0.68
C PHE A 510 19.20 14.04 1.88
N GLU A 511 20.12 14.98 1.64
CA GLU A 511 20.77 15.70 2.75
C GLU A 511 19.77 16.49 3.60
N ASN A 512 18.78 17.08 2.95
CA ASN A 512 17.73 17.80 3.66
C ASN A 512 16.80 16.92 4.52
N LEU A 513 16.89 15.59 4.42
CA LEU A 513 16.09 14.70 5.27
C LEU A 513 16.68 14.49 6.68
N ILE A 514 17.96 14.80 6.87
CA ILE A 514 18.65 14.52 8.14
C ILE A 514 18.47 15.69 9.12
N GLN A 515 17.98 15.39 10.32
CA GLN A 515 17.50 16.41 11.27
C GLN A 515 18.49 16.76 12.40
C1 BLG B . -5.42 10.19 3.54
C2 BLG B . -5.80 11.53 3.96
C3 BLG B . -5.12 11.84 5.30
C4 BLG B . -5.50 10.76 6.32
C5 BLG B . -5.17 9.39 5.76
O5 BLG B . -5.88 9.26 4.49
O1 BLG B . -6.06 9.84 2.30
N2 BLG B . -5.34 12.46 2.90
C7 BLG B . -6.20 13.15 2.15
O7 BLG B . -7.43 13.11 2.27
C8 BLG B . -5.55 14.00 1.07
O3 BLG B . -5.54 13.12 5.74
O4 BLG B . -4.73 11.00 7.47
S4 BLG B . -5.41 11.53 8.76
O41 BLG B . -6.77 10.89 8.90
O42 BLG B . -5.59 13.01 8.66
O43 BLG B . -4.55 11.18 9.96
C6 BLG B . -5.52 8.20 6.65
O6 BLG B . -6.92 8.29 6.84
CA BLG B . -5.41 9.31 0.05
CB BLG B . -5.30 8.92 1.51
CG BLG B . -5.88 7.54 1.55
CD BLG B . -5.26 6.92 0.35
N BLG B . -5.11 8.02 -0.64
C9 BLG B . -4.43 10.42 -0.28
O9 BLG B . -3.12 9.79 -0.34
C10 BLG B . -6.14 5.75 -0.22
O10 BLG B . -7.27 5.96 -0.67
N3 BLG B . -5.54 4.55 -0.21
C11 BLG B . -6.08 3.35 -0.84
C12 BLG B . -5.52 3.45 -2.27
S BLG B . -6.04 2.10 -3.40
OS1 BLG B . -5.29 2.24 -4.71
OS2 BLG B . -7.54 2.23 -3.72
OS3 BLG B . -5.68 0.77 -2.71
S SO4 C . 8.52 -8.30 -7.40
O1 SO4 C . 9.59 -7.33 -7.75
O2 SO4 C . 9.08 -9.68 -7.45
O3 SO4 C . 7.45 -8.18 -8.39
O4 SO4 C . 7.95 -8.00 -6.07
S SO4 D . 8.89 30.64 -10.44
O1 SO4 D . 9.85 31.53 -9.77
O2 SO4 D . 9.06 29.25 -9.95
O3 SO4 D . 7.53 31.11 -10.18
O4 SO4 D . 9.15 30.65 -11.91
S SO4 E . -9.72 -16.88 15.81
O1 SO4 E . -8.65 -16.81 16.82
O2 SO4 E . -9.49 -17.93 14.79
O3 SO4 E . -9.80 -15.57 15.12
O4 SO4 E . -11.02 -17.14 16.47
S SO4 F . -4.43 -29.47 11.33
O1 SO4 F . -3.44 -29.00 10.35
O2 SO4 F . -3.79 -30.33 12.35
O3 SO4 F . -5.05 -28.27 11.96
O4 SO4 F . -5.45 -30.29 10.63
S SO4 G . 10.43 -3.93 -0.91
O1 SO4 G . 11.56 -3.43 -1.76
O2 SO4 G . 10.89 -5.10 -0.13
O3 SO4 G . 9.95 -2.84 -0.02
O4 SO4 G . 9.32 -4.40 -1.77
S SO4 H . -33.54 10.23 -9.33
O1 SO4 H . -32.16 10.29 -8.78
O2 SO4 H . -34.11 8.89 -9.11
O3 SO4 H . -34.40 11.20 -8.63
O4 SO4 H . -33.50 10.47 -10.79
S SO4 I . 8.90 -1.37 -12.39
O1 SO4 I . 9.57 -0.08 -12.71
O2 SO4 I . 9.88 -2.37 -11.92
O3 SO4 I . 8.23 -1.86 -13.61
O4 SO4 I . 7.91 -1.15 -11.31
S SO4 J . 15.48 5.66 -19.82
O1 SO4 J . 16.66 6.33 -19.24
O2 SO4 J . 15.88 4.43 -20.55
O3 SO4 J . 14.83 6.61 -20.76
O4 SO4 J . 14.55 5.24 -18.75
S SO4 K . -7.36 4.98 -8.18
O1 SO4 K . -5.94 4.66 -8.45
O2 SO4 K . -7.45 5.99 -7.11
O3 SO4 K . -8.07 3.76 -7.76
O4 SO4 K . -7.92 5.52 -9.44
#